data_6EGC
#
_entry.id   6EGC
#
_cell.length_a   41.253
_cell.length_b   49.360
_cell.length_c   41.239
_cell.angle_alpha   90.00
_cell.angle_beta   104.30
_cell.angle_gamma   90.00
#
_symmetry.space_group_name_H-M   'P 1 21 1'
#
loop_
_entity.id
_entity.type
_entity.pdbx_description
1 polymer SC_2L4HC2_23
2 water water
#
_entity_poly.entity_id   1
_entity_poly.type   'polypeptide(L)'
_entity_poly.pdbx_seq_one_letter_code
;GSHMTRTEIIRELERSLREQEELAKRLKELLRELERLQREGSSDEDVRELLREIKELVEEIEKLAREQKYLVEELKRQQG
PPGNEIIRELERSLREQEELAKRLKELLRELERLQREGSSDEDVRELLREIKELVEEIEKLAREQKYLVEELKRQD
;
_entity_poly.pdbx_strand_id   A
#
# COMPACT_ATOMS: atom_id res chain seq x y z
CA THR A 5 -28.32 -1.20 -1.08
C THR A 5 -27.03 -1.26 -0.27
N ARG A 6 -27.14 -1.71 0.99
CA ARG A 6 -25.93 -1.93 1.79
C ARG A 6 -25.18 -3.16 1.27
N THR A 7 -25.89 -4.11 0.63
CA THR A 7 -25.23 -5.29 0.09
C THR A 7 -24.31 -4.92 -1.07
N GLU A 8 -24.73 -3.96 -1.90
CA GLU A 8 -23.87 -3.45 -2.96
C GLU A 8 -22.59 -2.80 -2.40
N ILE A 9 -22.72 -2.07 -1.31
CA ILE A 9 -21.53 -1.41 -0.76
C ILE A 9 -20.58 -2.47 -0.22
N ILE A 10 -21.09 -3.46 0.50
CA ILE A 10 -20.21 -4.53 1.01
C ILE A 10 -19.54 -5.26 -0.13
N ARG A 11 -20.30 -5.55 -1.21
CA ARG A 11 -19.70 -6.28 -2.31
C ARG A 11 -18.54 -5.51 -2.89
N GLU A 12 -18.72 -4.20 -3.10
CA GLU A 12 -17.66 -3.37 -3.69
C GLU A 12 -16.46 -3.16 -2.76
N LEU A 13 -16.71 -3.08 -1.46
CA LEU A 13 -15.61 -3.06 -0.50
C LEU A 13 -14.80 -4.34 -0.51
N GLU A 14 -15.45 -5.48 -0.58
CA GLU A 14 -14.68 -6.72 -0.69
C GLU A 14 -13.83 -6.73 -1.96
N ARG A 15 -14.42 -6.33 -3.10
CA ARG A 15 -13.64 -6.29 -4.32
C ARG A 15 -12.43 -5.36 -4.15
N SER A 16 -12.63 -4.23 -3.47
CA SER A 16 -11.57 -3.24 -3.39
C SER A 16 -10.45 -3.73 -2.49
N LEU A 17 -10.79 -4.46 -1.42
CA LEU A 17 -9.75 -4.93 -0.50
C LEU A 17 -9.00 -6.09 -1.16
N ARG A 18 -9.69 -6.88 -1.97
CA ARG A 18 -8.99 -7.91 -2.70
C ARG A 18 -7.99 -7.27 -3.66
N GLU A 19 -8.42 -6.19 -4.32
CA GLU A 19 -7.58 -5.51 -5.27
C GLU A 19 -6.35 -4.90 -4.59
N GLN A 20 -6.54 -4.25 -3.43
CA GLN A 20 -5.39 -3.68 -2.76
C GLN A 20 -4.42 -4.76 -2.31
N GLU A 21 -4.95 -5.90 -1.90
CA GLU A 21 -4.11 -6.99 -1.43
C GLU A 21 -3.22 -7.48 -2.56
N GLU A 22 -3.78 -7.52 -3.78
CA GLU A 22 -3.02 -7.88 -4.98
C GLU A 22 -2.03 -6.79 -5.39
N LEU A 23 -2.41 -5.52 -5.28
CA LEU A 23 -1.46 -4.44 -5.58
C LEU A 23 -0.26 -4.49 -4.63
N ALA A 24 -0.50 -4.80 -3.34
CA ALA A 24 0.61 -4.88 -2.40
C ALA A 24 1.51 -6.07 -2.72
N LYS A 25 0.91 -7.19 -3.11
CA LYS A 25 1.69 -8.32 -3.58
C LYS A 25 2.53 -7.93 -4.79
N ARG A 26 1.94 -7.18 -5.74
CA ARG A 26 2.69 -6.73 -6.91
C ARG A 26 3.86 -5.82 -6.51
N LEU A 27 3.60 -4.92 -5.56
CA LEU A 27 4.63 -4.01 -5.10
C LEU A 27 5.78 -4.75 -4.48
N LYS A 28 5.51 -5.79 -3.68
CA LYS A 28 6.65 -6.50 -3.10
C LYS A 28 7.46 -7.18 -4.17
N GLU A 29 6.80 -7.61 -5.25
CA GLU A 29 7.55 -8.19 -6.36
C GLU A 29 8.41 -7.13 -7.04
N LEU A 30 7.91 -5.90 -7.21
CA LEU A 30 8.74 -4.90 -7.86
C LEU A 30 9.93 -4.52 -6.95
N LEU A 31 9.71 -4.50 -5.64
CA LEU A 31 10.80 -4.14 -4.71
C LEU A 31 11.87 -5.21 -4.70
N ARG A 32 11.47 -6.50 -4.77
CA ARG A 32 12.44 -7.59 -4.95
C ARG A 32 13.24 -7.43 -6.24
N GLU A 33 12.55 -7.18 -7.35
CA GLU A 33 13.31 -6.85 -8.57
C GLU A 33 14.27 -5.69 -8.32
N LEU A 34 13.82 -4.62 -7.66
CA LEU A 34 14.69 -3.45 -7.47
C LEU A 34 15.92 -3.82 -6.65
N GLU A 35 15.71 -4.56 -5.56
CA GLU A 35 16.85 -5.06 -4.78
C GLU A 35 17.82 -5.82 -5.69
N ARG A 36 17.27 -6.63 -6.61
CA ARG A 36 18.13 -7.39 -7.50
C ARG A 36 18.91 -6.48 -8.45
N LEU A 37 18.25 -5.45 -8.98
CA LEU A 37 18.98 -4.56 -9.89
C LEU A 37 20.10 -3.85 -9.15
N GLN A 38 19.78 -3.20 -8.02
CA GLN A 38 20.82 -2.50 -7.26
C GLN A 38 21.88 -3.48 -6.78
N ARG A 39 21.47 -4.69 -6.41
CA ARG A 39 22.38 -5.67 -5.84
C ARG A 39 23.39 -6.16 -6.87
N GLU A 40 22.90 -6.62 -8.01
CA GLU A 40 23.76 -7.22 -9.02
C GLU A 40 24.17 -6.22 -10.09
N GLY A 41 23.94 -4.94 -9.89
CA GLY A 41 24.38 -3.98 -10.87
C GLY A 41 23.42 -3.91 -12.02
N SER A 42 22.91 -2.71 -12.28
CA SER A 42 21.99 -2.47 -13.38
C SER A 42 22.22 -1.07 -13.89
N SER A 43 21.72 -0.82 -15.10
CA SER A 43 21.75 0.52 -15.66
C SER A 43 20.83 1.44 -14.86
N ASP A 44 21.14 2.74 -14.92
CA ASP A 44 20.29 3.76 -14.32
C ASP A 44 18.90 3.74 -14.94
N GLU A 45 18.81 3.50 -16.25
CA GLU A 45 17.50 3.43 -16.89
C GLU A 45 16.68 2.26 -16.33
N ASP A 46 17.32 1.12 -16.07
CA ASP A 46 16.61 -0.01 -15.49
C ASP A 46 16.02 0.39 -14.14
N VAL A 47 16.84 1.02 -13.28
CA VAL A 47 16.36 1.35 -11.92
C VAL A 47 15.22 2.38 -11.99
N ARG A 48 15.34 3.37 -12.90
CA ARG A 48 14.27 4.37 -13.06
C ARG A 48 12.97 3.74 -13.51
N GLU A 49 13.02 2.90 -14.53
CA GLU A 49 11.78 2.32 -15.04
C GLU A 49 11.07 1.56 -13.93
N LEU A 50 11.83 0.94 -13.03
CA LEU A 50 11.22 0.23 -11.91
C LEU A 50 10.69 1.21 -10.87
N LEU A 51 11.45 2.26 -10.54
CA LEU A 51 10.96 3.17 -9.49
C LEU A 51 9.70 3.85 -9.94
N ARG A 52 9.60 4.12 -11.23
CA ARG A 52 8.41 4.72 -11.84
C ARG A 52 7.18 3.84 -11.66
N GLU A 53 7.28 2.55 -11.93
CA GLU A 53 6.15 1.64 -11.78
C GLU A 53 5.80 1.48 -10.30
N ILE A 54 6.82 1.44 -9.45
CA ILE A 54 6.59 1.39 -7.98
C ILE A 54 5.77 2.58 -7.47
N LYS A 55 6.18 3.81 -7.83
N LYS A 55 6.18 3.81 -7.81
CA LYS A 55 5.47 5.00 -7.36
CA LYS A 55 5.45 4.98 -7.34
C LYS A 55 4.03 5.04 -7.86
C LYS A 55 4.02 5.04 -7.87
N GLU A 56 3.80 4.56 -9.09
CA GLU A 56 2.44 4.50 -9.63
C GLU A 56 1.58 3.51 -8.86
N LEU A 57 2.16 2.37 -8.47
CA LEU A 57 1.43 1.39 -7.69
C LEU A 57 1.05 1.98 -6.34
N VAL A 58 1.96 2.75 -5.72
CA VAL A 58 1.63 3.30 -4.39
C VAL A 58 0.47 4.26 -4.53
N GLU A 59 0.50 5.09 -5.57
CA GLU A 59 -0.62 6.01 -5.76
C GLU A 59 -1.92 5.27 -5.94
N GLU A 60 -1.90 4.12 -6.58
CA GLU A 60 -3.15 3.37 -6.73
C GLU A 60 -3.61 2.79 -5.41
N ILE A 61 -2.64 2.35 -4.57
CA ILE A 61 -2.94 1.82 -3.26
C ILE A 61 -3.57 2.90 -2.42
N GLU A 62 -3.03 4.11 -2.44
CA GLU A 62 -3.59 5.24 -1.71
C GLU A 62 -5.00 5.57 -2.22
N LYS A 63 -5.15 5.62 -3.54
CA LYS A 63 -6.49 5.86 -4.14
C LYS A 63 -7.52 4.85 -3.68
N LEU A 64 -7.18 3.56 -3.64
CA LEU A 64 -8.12 2.55 -3.14
C LEU A 64 -8.44 2.74 -1.66
N ALA A 65 -7.46 3.16 -0.86
CA ALA A 65 -7.75 3.46 0.53
C ALA A 65 -8.81 4.54 0.65
N ARG A 66 -8.70 5.59 -0.15
CA ARG A 66 -9.66 6.69 -0.11
C ARG A 66 -11.02 6.23 -0.58
N GLU A 67 -11.05 5.40 -1.60
CA GLU A 67 -12.29 4.78 -2.05
C GLU A 67 -12.94 3.95 -0.97
N GLN A 68 -12.14 3.19 -0.25
CA GLN A 68 -12.67 2.36 0.82
C GLN A 68 -13.17 3.21 1.98
N LYS A 69 -12.49 4.30 2.29
CA LYS A 69 -13.04 5.18 3.33
C LYS A 69 -14.42 5.67 2.97
N TYR A 70 -14.63 6.04 1.72
CA TYR A 70 -15.91 6.57 1.27
C TYR A 70 -17.00 5.50 1.33
N LEU A 71 -16.67 4.26 1.01
CA LEU A 71 -17.64 3.18 1.07
C LEU A 71 -18.00 2.84 2.53
N VAL A 72 -17.03 2.85 3.44
CA VAL A 72 -17.33 2.64 4.86
C VAL A 72 -18.21 3.75 5.40
N GLU A 73 -17.99 4.98 5.01
CA GLU A 73 -18.91 6.03 5.48
C GLU A 73 -20.30 5.83 4.91
N GLU A 74 -20.38 5.37 3.67
CA GLU A 74 -21.68 5.10 3.09
C GLU A 74 -22.37 3.98 3.86
N LEU A 75 -21.61 2.97 4.28
CA LEU A 75 -22.20 1.92 5.10
C LEU A 75 -22.64 2.43 6.46
N LYS A 76 -21.83 3.28 7.09
CA LYS A 76 -22.18 3.90 8.36
C LYS A 76 -23.51 4.62 8.27
N ARG A 77 -23.68 5.47 7.26
CA ARG A 77 -24.95 6.18 7.09
C ARG A 77 -26.12 5.21 7.04
N GLN A 78 -25.96 4.10 6.30
CA GLN A 78 -26.94 3.01 6.16
C GLN A 78 -26.72 1.94 7.22
N GLY A 83 -22.80 -2.96 13.12
CA GLY A 83 -21.80 -3.23 14.14
C GLY A 83 -20.96 -2.01 14.35
N ASN A 84 -21.31 -1.20 15.37
CA ASN A 84 -20.66 0.09 15.53
C ASN A 84 -19.19 -0.05 15.87
N GLU A 85 -18.83 -1.01 16.72
CA GLU A 85 -17.42 -1.26 17.02
C GLU A 85 -16.66 -1.66 15.74
N ILE A 86 -17.26 -2.47 14.90
CA ILE A 86 -16.56 -2.91 13.68
C ILE A 86 -16.32 -1.72 12.77
N ILE A 87 -17.33 -0.86 12.59
CA ILE A 87 -17.14 0.29 11.70
C ILE A 87 -16.10 1.24 12.27
N ARG A 88 -16.12 1.48 13.56
CA ARG A 88 -15.13 2.38 14.14
C ARG A 88 -13.74 1.87 13.90
N GLU A 89 -13.56 0.55 14.06
CA GLU A 89 -12.23 -0.03 13.82
C GLU A 89 -11.79 -0.03 12.35
N LEU A 90 -12.72 -0.20 11.41
CA LEU A 90 -12.38 -0.08 9.99
C LEU A 90 -11.99 1.34 9.63
N GLU A 91 -12.66 2.35 10.17
CA GLU A 91 -12.28 3.73 9.90
C GLU A 91 -10.85 3.98 10.40
N ARG A 92 -10.55 3.57 11.64
CA ARG A 92 -9.19 3.75 12.15
C ARG A 92 -8.20 3.02 11.25
N SER A 93 -8.56 1.81 10.78
CA SER A 93 -7.61 1.01 9.98
C SER A 93 -7.34 1.66 8.62
N LEU A 94 -8.38 2.22 8.03
CA LEU A 94 -8.21 2.89 6.74
C LEU A 94 -7.41 4.18 6.90
N ARG A 95 -7.64 4.92 7.97
CA ARG A 95 -6.84 6.12 8.20
C ARG A 95 -5.36 5.74 8.37
N GLU A 96 -5.11 4.61 9.04
CA GLU A 96 -3.75 4.14 9.26
C GLU A 96 -3.09 3.76 7.94
N GLN A 97 -3.83 3.03 7.08
CA GLN A 97 -3.30 2.64 5.80
C GLN A 97 -3.01 3.86 4.95
N GLU A 98 -3.92 4.83 4.98
CA GLU A 98 -3.66 6.07 4.27
C GLU A 98 -2.34 6.67 4.70
N GLU A 99 -2.14 6.82 6.02
CA GLU A 99 -0.90 7.38 6.50
C GLU A 99 0.31 6.52 6.11
N LEU A 100 0.20 5.20 6.21
CA LEU A 100 1.34 4.35 5.84
C LEU A 100 1.72 4.57 4.38
N ALA A 101 0.73 4.76 3.51
CA ALA A 101 1.03 4.97 2.08
C ALA A 101 1.70 6.33 1.88
N LYS A 102 1.25 7.32 2.65
CA LYS A 102 1.93 8.61 2.68
C LYS A 102 3.38 8.45 3.10
N ARG A 103 3.64 7.68 4.16
CA ARG A 103 5.01 7.45 4.59
C ARG A 103 5.85 6.74 3.52
N LEU A 104 5.22 5.81 2.78
CA LEU A 104 5.94 5.06 1.76
C LEU A 104 6.33 5.97 0.61
N LYS A 105 5.44 6.86 0.19
CA LYS A 105 5.81 7.78 -0.89
C LYS A 105 6.98 8.66 -0.49
N GLU A 106 7.03 9.04 0.79
CA GLU A 106 8.15 9.85 1.28
C GLU A 106 9.45 9.05 1.26
N LEU A 107 9.41 7.77 1.65
CA LEU A 107 10.63 6.98 1.62
C LEU A 107 11.08 6.73 0.18
N LEU A 108 10.13 6.59 -0.74
CA LEU A 108 10.48 6.41 -2.16
C LEU A 108 11.10 7.67 -2.72
N ARG A 109 10.57 8.87 -2.34
CA ARG A 109 11.24 10.13 -2.70
C ARG A 109 12.67 10.16 -2.20
N GLU A 110 12.88 9.83 -0.93
CA GLU A 110 14.25 9.81 -0.43
C GLU A 110 15.08 8.83 -1.24
N LEU A 111 14.51 7.67 -1.60
CA LEU A 111 15.26 6.64 -2.33
C LEU A 111 15.68 7.18 -3.70
N GLU A 112 14.77 7.84 -4.41
CA GLU A 112 15.14 8.51 -5.65
C GLU A 112 16.25 9.53 -5.42
N ARG A 113 16.18 10.29 -4.31
CA ARG A 113 17.20 11.28 -4.03
C ARG A 113 18.55 10.63 -3.82
N LEU A 114 18.60 9.48 -3.15
CA LEU A 114 19.91 8.84 -2.95
C LEU A 114 20.45 8.32 -4.28
N GLN A 115 19.62 7.62 -5.07
CA GLN A 115 20.11 7.04 -6.32
C GLN A 115 20.57 8.14 -7.28
N ARG A 116 19.78 9.23 -7.34
CA ARG A 116 20.09 10.33 -8.25
C ARG A 116 21.25 11.17 -7.73
N GLU A 117 21.18 11.55 -6.45
CA GLU A 117 22.22 12.41 -5.87
C GLU A 117 23.40 11.61 -5.34
N GLY A 118 23.50 10.34 -5.65
CA GLY A 118 24.62 9.55 -5.19
C GLY A 118 24.53 9.28 -3.71
N SER A 119 24.76 8.03 -3.32
CA SER A 119 24.66 7.62 -1.93
C SER A 119 25.43 6.32 -1.77
N SER A 120 25.83 6.04 -0.54
CA SER A 120 26.47 4.78 -0.23
C SER A 120 25.48 3.61 -0.42
N ASP A 121 26.06 2.41 -0.55
CA ASP A 121 25.24 1.21 -0.61
C ASP A 121 24.51 0.98 0.69
N GLU A 122 25.16 1.24 1.84
CA GLU A 122 24.48 1.07 3.12
C GLU A 122 23.24 1.93 3.18
N ASP A 123 23.32 3.15 2.69
CA ASP A 123 22.19 4.08 2.75
C ASP A 123 21.00 3.51 2.00
N VAL A 124 21.27 2.97 0.81
CA VAL A 124 20.20 2.42 0.01
C VAL A 124 19.61 1.18 0.69
N ARG A 125 20.46 0.32 1.26
CA ARG A 125 19.95 -0.88 1.96
C ARG A 125 19.02 -0.51 3.10
N GLU A 126 19.42 0.46 3.92
CA GLU A 126 18.61 0.80 5.09
C GLU A 126 17.24 1.27 4.64
N LEU A 127 17.19 2.08 3.57
CA LEU A 127 15.92 2.57 3.07
C LEU A 127 15.11 1.46 2.46
N LEU A 128 15.75 0.52 1.76
CA LEU A 128 14.91 -0.55 1.16
C LEU A 128 14.29 -1.40 2.25
N ARG A 129 15.02 -1.58 3.34
CA ARG A 129 14.55 -2.34 4.49
C ARG A 129 13.30 -1.71 5.11
N GLU A 130 13.34 -0.40 5.35
CA GLU A 130 12.20 0.29 5.92
C GLU A 130 11.04 0.27 4.92
N ILE A 131 11.34 0.31 3.61
CA ILE A 131 10.27 0.29 2.60
C ILE A 131 9.55 -1.06 2.54
N LYS A 132 10.31 -2.16 2.49
CA LYS A 132 9.66 -3.47 2.48
C LYS A 132 8.86 -3.72 3.76
N GLU A 133 9.32 -3.25 4.92
CA GLU A 133 8.55 -3.47 6.15
C GLU A 133 7.25 -2.68 6.15
N LEU A 134 7.25 -1.50 5.56
CA LEU A 134 6.06 -0.71 5.44
C LEU A 134 5.08 -1.40 4.49
N VAL A 135 5.56 -2.01 3.43
CA VAL A 135 4.60 -2.71 2.54
C VAL A 135 3.98 -3.89 3.28
N GLU A 136 4.80 -4.61 4.01
CA GLU A 136 4.28 -5.71 4.82
C GLU A 136 3.16 -5.25 5.72
N GLU A 137 3.29 -4.04 6.26
CA GLU A 137 2.31 -3.51 7.20
C GLU A 137 1.02 -3.19 6.49
N ILE A 138 1.15 -2.62 5.28
CA ILE A 138 -0.01 -2.27 4.46
C ILE A 138 -0.78 -3.53 4.06
N GLU A 139 -0.08 -4.60 3.70
CA GLU A 139 -0.69 -5.89 3.41
C GLU A 139 -1.41 -6.44 4.62
N LYS A 140 -0.75 -6.38 5.78
CA LYS A 140 -1.37 -6.82 7.04
C LYS A 140 -2.66 -6.05 7.32
N LEU A 141 -2.66 -4.74 7.12
CA LEU A 141 -3.89 -3.97 7.34
C LEU A 141 -4.99 -4.33 6.33
N ALA A 142 -4.66 -4.57 5.06
CA ALA A 142 -5.66 -5.07 4.12
C ALA A 142 -6.29 -6.35 4.63
N ARG A 143 -5.50 -7.29 5.14
CA ARG A 143 -6.06 -8.56 5.59
C ARG A 143 -6.95 -8.34 6.80
N GLU A 144 -6.56 -7.41 7.69
CA GLU A 144 -7.38 -7.07 8.83
C GLU A 144 -8.70 -6.47 8.39
N GLN A 145 -8.62 -5.61 7.39
CA GLN A 145 -9.84 -4.95 6.92
C GLN A 145 -10.76 -5.95 6.22
N LYS A 146 -10.23 -6.89 5.49
CA LYS A 146 -11.07 -7.93 4.90
C LYS A 146 -11.82 -8.71 5.98
N TYR A 147 -11.14 -8.99 7.10
CA TYR A 147 -11.74 -9.73 8.19
C TYR A 147 -12.86 -8.92 8.83
N LEU A 148 -12.65 -7.60 8.97
CA LEU A 148 -13.67 -6.76 9.58
C LEU A 148 -14.88 -6.61 8.68
N VAL A 149 -14.67 -6.47 7.37
CA VAL A 149 -15.80 -6.35 6.44
C VAL A 149 -16.62 -7.64 6.43
N GLU A 150 -15.99 -8.77 6.54
CA GLU A 150 -16.77 -10.00 6.64
C GLU A 150 -17.55 -10.08 7.94
N GLU A 151 -16.96 -9.63 9.03
CA GLU A 151 -17.70 -9.59 10.28
C GLU A 151 -18.91 -8.67 10.13
N LEU A 152 -18.74 -7.55 9.42
CA LEU A 152 -19.87 -6.65 9.22
C LEU A 152 -20.94 -7.32 8.33
N LYS A 153 -20.52 -7.99 7.26
CA LYS A 153 -21.49 -8.61 6.35
C LYS A 153 -22.38 -9.60 7.09
N ARG A 154 -21.79 -10.45 7.92
CA ARG A 154 -22.62 -11.31 8.76
C ARG A 154 -23.60 -10.49 9.60
N GLN A 155 -23.08 -9.50 10.34
CA GLN A 155 -23.87 -8.60 11.17
C GLN A 155 -24.69 -7.62 10.32
#